data_3G2V
#
_entry.id   3G2V
#
_cell.length_a   48.000
_cell.length_b   72.900
_cell.length_c   102.500
_cell.angle_alpha   90.00
_cell.angle_beta   90.00
_cell.angle_gamma   90.00
#
_symmetry.space_group_name_H-M   'P 21 21 21'
#
loop_
_entity.id
_entity.type
_entity.pdbx_description
1 polymer 'ADP-ribosylation factor-binding protein GGA1'
2 polymer 'C-terminal fragment of Sortilin'
3 non-polymer 'IODIDE ION'
4 water water
#
loop_
_entity_poly.entity_id
_entity_poly.type
_entity_poly.pdbx_seq_one_letter_code
_entity_poly.pdbx_strand_id
1 'polypeptide(L)'
;GSMEPAMEPETLEARINRATNPLNKELDWASINGFCEQLNEDFEGPPLATRLLAHKIQSPQEWEAIQALTVLETCMKSCG
KRFHDEVGKFRFLNELIKVVSPKYLGSRTSEKVKNKILELLYSWTVGLPEEVKIAEAYQMLKKQGIVKS
;
A,B
2 'polypeptide(L)' SGYHDD(SEP)DEDLLE C,D
#
loop_
_chem_comp.id
_chem_comp.type
_chem_comp.name
_chem_comp.formula
IOD non-polymer 'IODIDE ION' 'I -1'
#
# COMPACT_ATOMS: atom_id res chain seq x y z
N PRO A 9 7.50 17.63 -18.37
CA PRO A 9 7.47 17.75 -16.92
C PRO A 9 7.50 16.39 -16.20
N GLU A 10 7.92 16.42 -14.93
CA GLU A 10 8.06 15.21 -14.14
C GLU A 10 6.70 14.54 -13.94
N THR A 11 6.73 13.23 -13.74
CA THR A 11 5.53 12.42 -13.70
C THR A 11 4.91 12.54 -12.31
N LEU A 12 3.61 12.29 -12.23
CA LEU A 12 2.94 12.12 -10.95
C LEU A 12 3.72 11.21 -9.98
N GLU A 13 4.21 10.09 -10.50
CA GLU A 13 5.01 9.15 -9.68
C GLU A 13 6.24 9.81 -9.08
N ALA A 14 7.02 10.51 -9.91
CA ALA A 14 8.22 11.21 -9.45
C ALA A 14 7.87 12.25 -8.41
N ARG A 15 6.79 13.01 -8.64
CA ARG A 15 6.43 14.10 -7.73
C ARG A 15 6.11 13.50 -6.39
N ILE A 16 5.19 12.54 -6.38
CA ILE A 16 4.64 11.99 -5.13
C ILE A 16 5.73 11.25 -4.36
N ASN A 17 6.69 10.67 -5.09
CA ASN A 17 7.81 9.97 -4.46
C ASN A 17 8.73 10.94 -3.71
N ARG A 18 9.00 12.10 -4.31
CA ARG A 18 9.69 13.20 -3.60
C ARG A 18 8.85 13.83 -2.48
N ALA A 19 7.59 14.09 -2.78
CA ALA A 19 6.72 14.78 -1.83
C ALA A 19 6.49 13.97 -0.54
N THR A 20 6.61 12.65 -0.64
CA THR A 20 6.27 11.77 0.48
C THR A 20 7.48 11.00 0.97
N ASN A 21 8.65 11.38 0.48
CA ASN A 21 9.88 10.69 0.83
C ASN A 21 10.09 10.70 2.36
N PRO A 22 10.16 9.50 2.98
CA PRO A 22 10.36 9.47 4.44
C PRO A 22 11.75 9.96 4.89
N LEU A 23 12.62 10.28 3.95
CA LEU A 23 13.88 10.95 4.28
C LEU A 23 13.71 12.46 4.46
N ASN A 24 12.58 13.01 4.02
CA ASN A 24 12.36 14.46 4.05
C ASN A 24 12.45 15.00 5.48
N LYS A 25 13.30 16.01 5.69
CA LYS A 25 13.44 16.66 7.00
C LYS A 25 12.32 17.67 7.27
N GLU A 26 11.60 18.04 6.22
CA GLU A 26 10.49 18.97 6.33
C GLU A 26 9.65 18.84 5.07
N LEU A 27 8.50 19.50 5.06
CA LEU A 27 7.58 19.41 3.91
C LEU A 27 8.24 20.01 2.66
N ASP A 28 8.15 19.29 1.55
CA ASP A 28 8.73 19.73 0.27
C ASP A 28 7.62 20.31 -0.59
N TRP A 29 7.42 21.61 -0.52
CA TRP A 29 6.31 22.27 -1.21
C TRP A 29 6.41 22.23 -2.73
N ALA A 30 7.63 22.36 -3.24
CA ALA A 30 7.87 22.24 -4.67
C ALA A 30 7.23 20.96 -5.19
N SER A 31 7.49 19.86 -4.49
CA SER A 31 6.95 18.56 -4.90
C SER A 31 5.48 18.37 -4.56
N ILE A 32 5.08 18.83 -3.37
CA ILE A 32 3.67 18.79 -3.00
C ILE A 32 2.79 19.53 -4.00
N ASN A 33 3.06 20.82 -4.17
CA ASN A 33 2.30 21.63 -5.08
C ASN A 33 2.56 21.22 -6.54
N GLY A 34 3.75 20.70 -6.83
CA GLY A 34 4.05 20.22 -8.19
C GLY A 34 3.21 19.01 -8.55
N PHE A 35 2.94 18.17 -7.55
CA PHE A 35 1.98 17.07 -7.69
C PHE A 35 0.58 17.59 -8.04
N CYS A 36 0.08 18.54 -7.26
CA CYS A 36 -1.23 19.11 -7.55
C CYS A 36 -1.25 19.69 -8.95
N GLU A 37 -0.21 20.43 -9.32
CA GLU A 37 -0.12 21.07 -10.63
C GLU A 37 -0.23 20.03 -11.75
N GLN A 38 0.45 18.90 -11.54
CA GLN A 38 0.64 17.91 -12.61
C GLN A 38 -0.62 17.07 -12.82
N LEU A 39 -1.26 16.67 -11.73
CA LEU A 39 -2.52 15.92 -11.86
C LEU A 39 -3.62 16.74 -12.57
N ASN A 40 -3.58 18.05 -12.37
CA ASN A 40 -4.48 19.00 -13.03
C ASN A 40 -4.20 19.10 -14.53
N GLU A 41 -2.99 18.71 -14.94
CA GLU A 41 -2.52 18.98 -16.30
C GLU A 41 -3.01 17.95 -17.31
N ASP A 42 -2.92 16.67 -16.94
CA ASP A 42 -3.22 15.59 -17.86
C ASP A 42 -4.60 14.97 -17.59
N PHE A 43 -5.34 14.71 -18.66
CA PHE A 43 -6.73 14.23 -18.57
C PHE A 43 -6.88 13.16 -17.50
N GLU A 44 -5.95 12.22 -17.48
CA GLU A 44 -6.05 11.04 -16.65
C GLU A 44 -5.25 11.21 -15.37
N GLY A 45 -4.78 12.44 -15.13
CA GLY A 45 -4.07 12.77 -13.90
C GLY A 45 -4.85 12.45 -12.63
N PRO A 46 -6.09 12.97 -12.51
CA PRO A 46 -6.76 12.81 -11.23
C PRO A 46 -7.00 11.38 -10.73
N PRO A 47 -7.48 10.47 -11.60
CA PRO A 47 -7.65 9.08 -11.14
C PRO A 47 -6.33 8.33 -10.86
N LEU A 48 -5.25 8.75 -11.50
CA LEU A 48 -3.92 8.23 -11.17
C LEU A 48 -3.42 8.77 -9.84
N ALA A 49 -3.55 10.08 -9.66
CA ALA A 49 -3.16 10.75 -8.43
C ALA A 49 -3.76 10.03 -7.24
N THR A 50 -5.02 9.67 -7.40
CA THR A 50 -5.82 9.18 -6.32
C THR A 50 -5.39 7.73 -5.99
N ARG A 51 -5.02 6.98 -7.02
CA ARG A 51 -4.40 5.67 -6.86
C ARG A 51 -3.02 5.73 -6.17
N LEU A 52 -2.20 6.69 -6.55
CA LEU A 52 -0.87 6.81 -5.96
C LEU A 52 -0.99 7.23 -4.50
N LEU A 53 -1.85 8.20 -4.22
CA LEU A 53 -2.05 8.72 -2.87
C LEU A 53 -2.54 7.66 -1.89
N ALA A 54 -3.50 6.84 -2.34
CA ALA A 54 -4.09 5.79 -1.53
C ALA A 54 -3.07 4.79 -1.06
N HIS A 55 -2.14 4.41 -1.95
CA HIS A 55 -1.00 3.60 -1.57
C HIS A 55 -0.02 4.27 -0.57
N LYS A 56 0.38 5.50 -0.83
CA LYS A 56 1.26 6.20 0.11
C LYS A 56 0.60 6.34 1.50
N ILE A 57 -0.69 6.64 1.51
CA ILE A 57 -1.44 6.88 2.73
C ILE A 57 -1.52 5.63 3.62
N GLN A 58 -1.54 4.47 2.98
CA GLN A 58 -1.57 3.19 3.68
C GLN A 58 -0.19 2.65 4.02
N SER A 59 0.84 3.49 3.87
CA SER A 59 2.21 3.08 4.24
C SER A 59 2.38 2.81 5.73
N PRO A 60 3.09 1.71 6.08
CA PRO A 60 3.44 1.54 7.50
C PRO A 60 4.51 2.52 7.97
N GLN A 61 5.15 3.23 7.04
CA GLN A 61 6.11 4.25 7.40
C GLN A 61 5.37 5.55 7.61
N GLU A 62 5.19 5.92 8.87
CA GLU A 62 4.26 6.98 9.23
C GLU A 62 4.54 8.29 8.53
N TRP A 63 5.82 8.66 8.40
CA TRP A 63 6.14 9.99 7.83
C TRP A 63 5.81 10.00 6.34
N GLU A 64 5.91 8.83 5.71
CA GLU A 64 5.45 8.70 4.35
C GLU A 64 3.95 8.93 4.22
N ALA A 65 3.17 8.26 5.07
CA ALA A 65 1.71 8.40 5.07
C ALA A 65 1.26 9.81 5.46
N ILE A 66 1.90 10.40 6.47
CA ILE A 66 1.57 11.77 6.91
C ILE A 66 1.79 12.82 5.83
N GLN A 67 2.89 12.70 5.11
CA GLN A 67 3.19 13.62 4.02
C GLN A 67 2.19 13.39 2.89
N ALA A 68 1.80 12.14 2.67
CA ALA A 68 0.79 11.84 1.67
C ALA A 68 -0.53 12.54 1.99
N LEU A 69 -0.91 12.50 3.25
CA LEU A 69 -2.16 13.12 3.69
C LEU A 69 -2.10 14.65 3.54
N THR A 70 -0.90 15.20 3.73
CA THR A 70 -0.67 16.61 3.45
C THR A 70 -0.76 16.96 1.95
N VAL A 71 -0.17 16.15 1.09
CA VAL A 71 -0.44 16.26 -0.37
C VAL A 71 -1.94 16.20 -0.72
N LEU A 72 -2.65 15.20 -0.16
CA LEU A 72 -4.10 15.08 -0.37
C LEU A 72 -4.88 16.30 0.15
N GLU A 73 -4.55 16.76 1.35
CA GLU A 73 -5.16 17.97 1.89
C GLU A 73 -4.92 19.13 0.94
N THR A 74 -3.67 19.24 0.46
CA THR A 74 -3.24 20.39 -0.34
C THR A 74 -3.98 20.40 -1.69
N CYS A 75 -3.99 19.28 -2.39
CA CYS A 75 -4.61 19.24 -3.71
C CYS A 75 -6.13 19.33 -3.66
N MET A 76 -6.74 18.86 -2.57
CA MET A 76 -8.17 19.08 -2.38
C MET A 76 -8.50 20.56 -2.25
N LYS A 77 -7.64 21.32 -1.59
CA LYS A 77 -7.88 22.74 -1.46
C LYS A 77 -7.59 23.48 -2.77
N SER A 78 -6.58 23.02 -3.50
CA SER A 78 -6.09 23.79 -4.63
C SER A 78 -6.79 23.43 -5.94
N CYS A 79 -7.02 22.15 -6.15
CA CYS A 79 -7.49 21.65 -7.45
C CYS A 79 -9.02 21.70 -7.51
N GLY A 80 -9.61 21.27 -8.63
CA GLY A 80 -10.69 20.27 -8.56
C GLY A 80 -12.10 20.75 -8.83
N LYS A 81 -12.70 20.20 -9.89
CA LYS A 81 -13.91 19.43 -9.77
C LYS A 81 -13.48 18.00 -10.08
N ARG A 82 -12.60 17.86 -11.08
CA ARG A 82 -12.10 16.54 -11.47
C ARG A 82 -11.40 15.77 -10.34
N PHE A 83 -10.49 16.43 -9.62
CA PHE A 83 -9.86 15.83 -8.43
C PHE A 83 -10.86 15.62 -7.29
N HIS A 84 -11.65 16.63 -6.97
CA HIS A 84 -12.67 16.48 -5.94
C HIS A 84 -13.58 15.28 -6.21
N ASP A 85 -13.94 15.11 -7.48
CA ASP A 85 -14.83 14.02 -7.91
C ASP A 85 -14.22 12.64 -7.71
N GLU A 86 -12.91 12.50 -7.96
CA GLU A 86 -12.20 11.23 -7.82
C GLU A 86 -12.03 10.84 -6.37
N VAL A 87 -11.63 11.82 -5.56
CA VAL A 87 -11.52 11.63 -4.12
C VAL A 87 -12.91 11.29 -3.55
N GLY A 88 -13.94 11.87 -4.16
CA GLY A 88 -15.30 11.68 -3.70
C GLY A 88 -15.99 10.43 -4.22
N LYS A 89 -15.22 9.48 -4.75
CA LYS A 89 -15.70 8.14 -5.07
C LYS A 89 -15.38 7.12 -3.96
N PHE A 90 -16.22 6.09 -3.85
CA PHE A 90 -15.99 5.02 -2.86
C PHE A 90 -14.69 4.27 -3.19
N ARG A 91 -14.31 4.33 -4.46
CA ARG A 91 -13.06 3.72 -4.94
C ARG A 91 -11.87 4.29 -4.17
N PHE A 92 -11.89 5.60 -3.92
CA PHE A 92 -10.88 6.21 -3.08
C PHE A 92 -11.23 6.18 -1.59
N LEU A 93 -12.45 6.60 -1.26
CA LEU A 93 -12.89 6.74 0.13
C LEU A 93 -12.75 5.42 0.88
N ASN A 94 -12.96 4.29 0.20
CA ASN A 94 -12.80 2.97 0.82
C ASN A 94 -11.39 2.73 1.33
N GLU A 95 -10.42 3.31 0.64
CA GLU A 95 -9.03 3.15 1.03
C GLU A 95 -8.71 3.91 2.32
N LEU A 96 -9.38 5.05 2.53
CA LEU A 96 -9.28 5.78 3.80
C LEU A 96 -9.99 5.05 4.93
N ILE A 97 -11.17 4.50 4.63
CA ILE A 97 -11.92 3.71 5.58
C ILE A 97 -11.11 2.51 6.09
N LYS A 98 -10.36 1.89 5.19
CA LYS A 98 -9.44 0.80 5.55
C LYS A 98 -8.46 1.18 6.64
N VAL A 99 -7.92 2.40 6.52
CA VAL A 99 -6.85 2.91 7.39
C VAL A 99 -7.41 3.27 8.78
N VAL A 100 -8.61 3.85 8.84
CA VAL A 100 -9.14 4.29 10.14
C VAL A 100 -9.92 3.23 10.92
N SER A 101 -10.26 2.13 10.26
CA SER A 101 -11.24 1.21 10.81
C SER A 101 -10.57 -0.04 11.42
N PRO A 102 -10.88 -0.35 12.69
CA PRO A 102 -10.37 -1.54 13.39
C PRO A 102 -10.63 -2.87 12.66
N LYS A 103 -11.71 -2.98 11.89
CA LYS A 103 -11.94 -4.17 11.05
C LYS A 103 -10.84 -4.39 10.01
N TYR A 104 -10.22 -3.30 9.55
CA TYR A 104 -9.26 -3.35 8.45
C TYR A 104 -7.83 -3.04 8.90
N LEU A 105 -7.35 -1.83 8.62
CA LEU A 105 -5.96 -1.48 8.95
C LEU A 105 -5.81 -0.68 10.25
N GLY A 106 -6.92 -0.23 10.82
CA GLY A 106 -6.90 0.68 11.97
C GLY A 106 -6.04 0.21 13.14
N SER A 107 -6.06 -1.10 13.42
CA SER A 107 -5.28 -1.69 14.52
C SER A 107 -3.79 -1.40 14.50
N ARG A 108 -3.22 -1.27 13.30
CA ARG A 108 -1.78 -1.10 13.12
C ARG A 108 -1.42 0.28 12.56
N THR A 109 -2.40 1.17 12.51
CA THR A 109 -2.19 2.53 12.03
C THR A 109 -2.09 3.46 13.24
N SER A 110 -1.13 4.37 13.21
CA SER A 110 -0.98 5.32 14.32
C SER A 110 -2.23 6.19 14.45
N GLU A 111 -2.48 6.63 15.67
CA GLU A 111 -3.56 7.56 15.97
C GLU A 111 -3.41 8.88 15.21
N LYS A 112 -2.17 9.32 15.02
CA LYS A 112 -1.89 10.52 14.21
C LYS A 112 -2.46 10.42 12.80
N VAL A 113 -2.09 9.35 12.09
CA VAL A 113 -2.58 9.09 10.74
C VAL A 113 -4.10 9.00 10.69
N LYS A 114 -4.69 8.24 11.62
CA LYS A 114 -6.15 8.09 11.62
C LYS A 114 -6.84 9.41 11.93
N ASN A 115 -6.35 10.14 12.93
CA ASN A 115 -6.92 11.45 13.27
C ASN A 115 -6.82 12.42 12.08
N LYS A 116 -5.72 12.39 11.35
CA LYS A 116 -5.57 13.26 10.17
C LYS A 116 -6.64 12.96 9.12
N ILE A 117 -6.82 11.67 8.83
CA ILE A 117 -7.87 11.24 7.88
C ILE A 117 -9.26 11.71 8.33
N LEU A 118 -9.54 11.57 9.62
CA LEU A 118 -10.89 11.88 10.12
C LEU A 118 -11.12 13.38 10.07
N GLU A 119 -10.08 14.15 10.37
CA GLU A 119 -10.13 15.61 10.23
C GLU A 119 -10.45 15.98 8.79
N LEU A 120 -9.69 15.38 7.86
CA LEU A 120 -9.85 15.70 6.44
C LEU A 120 -11.26 15.37 5.97
N LEU A 121 -11.76 14.21 6.36
CA LEU A 121 -13.13 13.82 6.03
C LEU A 121 -14.18 14.82 6.56
N TYR A 122 -14.08 15.20 7.83
CA TYR A 122 -14.97 16.23 8.35
C TYR A 122 -14.89 17.51 7.52
N SER A 123 -13.67 18.01 7.27
CA SER A 123 -13.51 19.26 6.54
C SER A 123 -14.08 19.24 5.11
N TRP A 124 -14.04 18.08 4.44
CA TRP A 124 -14.67 17.97 3.12
C TRP A 124 -16.19 17.87 3.19
N THR A 125 -16.74 17.28 4.25
CA THR A 125 -18.20 17.29 4.43
C THR A 125 -18.71 18.72 4.56
N VAL A 126 -17.93 19.58 5.22
CA VAL A 126 -18.30 20.99 5.42
C VAL A 126 -17.98 21.80 4.15
N GLY A 127 -16.81 21.55 3.57
CA GLY A 127 -16.30 22.38 2.49
C GLY A 127 -16.74 22.00 1.08
N LEU A 128 -17.07 20.73 0.91
CA LEU A 128 -17.49 20.21 -0.39
C LEU A 128 -18.79 19.40 -0.24
N PRO A 129 -19.90 20.08 0.09
CA PRO A 129 -21.14 19.36 0.34
C PRO A 129 -21.70 18.63 -0.88
N GLU A 130 -21.23 19.00 -2.08
CA GLU A 130 -21.74 18.37 -3.30
C GLU A 130 -21.25 16.94 -3.48
N GLU A 131 -20.14 16.61 -2.81
CA GLU A 131 -19.58 15.27 -2.83
C GLU A 131 -20.27 14.40 -1.78
N VAL A 132 -21.46 13.92 -2.10
CA VAL A 132 -22.30 13.24 -1.12
C VAL A 132 -21.72 11.92 -0.60
N LYS A 133 -20.82 11.29 -1.38
CA LYS A 133 -20.18 10.03 -0.97
C LYS A 133 -19.16 10.23 0.16
N ILE A 134 -18.42 11.34 0.11
CA ILE A 134 -17.60 11.73 1.27
C ILE A 134 -18.45 11.86 2.57
N ALA A 135 -19.56 12.61 2.48
CA ALA A 135 -20.53 12.74 3.58
C ALA A 135 -21.10 11.40 4.03
N GLU A 136 -21.41 10.53 3.08
CA GLU A 136 -21.96 9.22 3.44
C GLU A 136 -20.92 8.37 4.16
N ALA A 137 -19.68 8.41 3.66
CA ALA A 137 -18.56 7.72 4.29
C ALA A 137 -18.32 8.20 5.73
N TYR A 138 -18.35 9.51 5.92
CA TYR A 138 -18.20 10.09 7.25
C TYR A 138 -19.32 9.73 8.27
N GLN A 139 -20.61 9.85 7.93
CA GLN A 139 -21.65 9.39 8.90
C GLN A 139 -21.72 7.88 9.08
N MET A 140 -21.22 7.11 8.11
CA MET A 140 -21.02 5.69 8.37
C MET A 140 -19.98 5.45 9.46
N LEU A 141 -18.86 6.13 9.38
CA LEU A 141 -17.83 6.07 10.42
C LEU A 141 -18.38 6.57 11.76
N LYS A 142 -19.23 7.58 11.69
CA LYS A 142 -19.78 8.20 12.90
C LYS A 142 -20.82 7.25 13.50
N LYS A 143 -21.60 6.62 12.65
CA LYS A 143 -22.56 5.63 13.10
C LYS A 143 -21.91 4.39 13.72
N GLN A 144 -20.71 4.04 13.26
CA GLN A 144 -19.96 2.89 13.78
C GLN A 144 -19.22 3.22 15.10
N GLY A 145 -19.19 4.50 15.46
CA GLY A 145 -18.49 4.95 16.65
C GLY A 145 -17.03 5.20 16.43
N ILE A 146 -16.57 5.15 15.17
CA ILE A 146 -15.18 5.50 14.84
C ILE A 146 -14.93 7.01 14.94
N VAL A 147 -15.89 7.81 14.49
CA VAL A 147 -16.01 9.20 14.98
C VAL A 147 -17.18 9.33 15.96
N LYS A 148 -16.95 9.94 17.10
CA LYS A 148 -16.66 11.36 17.17
C LYS A 148 -15.30 11.58 17.78
N ASP B 5 -17.22 9.69 -15.37
CA ASP B 5 -17.79 8.32 -15.26
C ASP B 5 -18.43 8.07 -13.89
N ASP B 6 -19.51 7.30 -13.91
CA ASP B 6 -20.50 7.28 -12.84
C ASP B 6 -20.29 6.05 -11.95
N SEP B 7 -19.52 5.10 -12.47
CA SEP B 7 -19.34 3.82 -11.79
CB SEP B 7 -18.88 2.74 -12.77
OG SEP B 7 -19.72 2.73 -13.92
C SEP B 7 -18.36 3.94 -10.63
O SEP B 7 -17.49 4.82 -10.61
P SEP B 7 -20.09 1.25 -14.42
O1P SEP B 7 -21.18 1.41 -15.59
O2P SEP B 7 -20.72 0.37 -13.23
O3P SEP B 7 -18.75 0.52 -14.93
N ASP B 8 -18.46 3.00 -9.71
CA ASP B 8 -17.81 3.14 -8.42
C ASP B 8 -17.89 1.79 -7.70
N GLU B 9 -17.09 1.63 -6.67
CA GLU B 9 -17.23 0.48 -5.75
C GLU B 9 -18.45 0.67 -4.86
N ASP B 10 -18.85 -0.39 -4.18
CA ASP B 10 -19.76 -0.28 -3.05
C ASP B 10 -19.02 0.41 -1.89
N LEU B 11 -19.75 1.23 -1.13
CA LEU B 11 -19.26 1.69 0.17
C LEU B 11 -18.84 0.50 1.04
N LEU B 12 -17.59 0.52 1.50
CA LEU B 12 -17.07 -0.49 2.41
C LEU B 12 -17.67 -0.34 3.80
N GLU B 13 -18.65 -1.18 4.11
CA GLU B 13 -19.23 -1.19 5.44
C GLU B 13 -18.79 -2.43 6.21
N PRO C 9 25.09 0.39 10.36
CA PRO C 9 23.93 -0.33 9.87
C PRO C 9 22.63 0.45 10.07
N GLU C 10 21.66 0.29 9.18
CA GLU C 10 20.46 1.13 9.16
C GLU C 10 19.19 0.30 9.42
N THR C 11 18.08 1.01 9.58
CA THR C 11 16.77 0.39 9.83
C THR C 11 16.30 -0.44 8.64
N LEU C 12 15.33 -1.31 8.87
CA LEU C 12 14.64 -2.01 7.80
C LEU C 12 13.94 -1.05 6.83
N GLU C 13 13.40 0.05 7.37
CA GLU C 13 12.72 1.03 6.51
C GLU C 13 13.72 1.67 5.55
N ALA C 14 14.87 2.11 6.06
CA ALA C 14 15.87 2.73 5.21
C ALA C 14 16.34 1.78 4.11
N ARG C 15 16.69 0.56 4.50
CA ARG C 15 17.18 -0.41 3.56
C ARG C 15 16.17 -0.80 2.49
N ILE C 16 14.93 -1.05 2.91
CA ILE C 16 13.88 -1.41 1.96
C ILE C 16 13.60 -0.27 0.99
N ASN C 17 13.71 0.96 1.47
CA ASN C 17 13.46 2.10 0.61
C ASN C 17 14.54 2.19 -0.47
N ARG C 18 15.77 1.89 -0.07
CA ARG C 18 16.88 1.81 -1.02
C ARG C 18 16.70 0.62 -1.97
N ALA C 19 16.34 -0.52 -1.41
CA ALA C 19 16.28 -1.77 -2.19
C ALA C 19 15.16 -1.79 -3.23
N THR C 20 14.10 -1.01 -3.00
CA THR C 20 12.93 -1.01 -3.86
C THR C 20 12.71 0.32 -4.53
N ASN C 21 13.72 1.19 -4.49
CA ASN C 21 13.57 2.53 -5.02
C ASN C 21 13.17 2.51 -6.49
N PRO C 22 12.06 3.20 -6.84
CA PRO C 22 11.65 3.27 -8.24
C PRO C 22 12.65 4.04 -9.10
N LEU C 23 13.62 4.70 -8.46
CA LEU C 23 14.66 5.43 -9.20
C LEU C 23 15.81 4.52 -9.62
N ASN C 24 15.93 3.35 -9.00
CA ASN C 24 17.01 2.42 -9.32
C ASN C 24 17.07 2.11 -10.81
N LYS C 25 18.28 2.22 -11.39
CA LYS C 25 18.51 1.86 -12.79
C LYS C 25 18.61 0.36 -12.94
N GLU C 26 18.99 -0.31 -11.86
CA GLU C 26 19.14 -1.75 -11.85
C GLU C 26 18.99 -2.22 -10.41
N LEU C 27 18.79 -3.52 -10.23
CA LEU C 27 18.68 -4.08 -8.88
C LEU C 27 19.87 -3.66 -8.04
N ASP C 28 19.59 -3.10 -6.87
CA ASP C 28 20.59 -2.77 -5.87
C ASP C 28 20.85 -3.94 -4.92
N TRP C 29 21.73 -4.85 -5.31
CA TRP C 29 21.98 -6.07 -4.53
C TRP C 29 22.57 -5.79 -3.15
N ALA C 30 23.40 -4.78 -3.04
CA ALA C 30 23.93 -4.37 -1.75
C ALA C 30 22.80 -4.10 -0.73
N SER C 31 21.81 -3.32 -1.13
CA SER C 31 20.66 -3.01 -0.26
C SER C 31 19.72 -4.19 -0.05
N ILE C 32 19.43 -4.90 -1.13
CA ILE C 32 18.62 -6.13 -1.07
C ILE C 32 19.17 -7.12 -0.03
N ASN C 33 20.44 -7.47 -0.19
CA ASN C 33 21.10 -8.42 0.70
C ASN C 33 21.20 -7.90 2.13
N GLY C 34 21.56 -6.63 2.28
CA GLY C 34 21.57 -5.96 3.59
C GLY C 34 20.25 -6.01 4.32
N PHE C 35 19.15 -5.89 3.57
CA PHE C 35 17.81 -6.01 4.14
C PHE C 35 17.57 -7.40 4.76
N CYS C 36 17.87 -8.44 4.01
CA CYS C 36 17.73 -9.82 4.48
C CYS C 36 18.64 -10.08 5.67
N GLU C 37 19.89 -9.61 5.56
CA GLU C 37 20.84 -9.67 6.66
C GLU C 37 20.28 -9.00 7.91
N GLN C 38 19.89 -7.73 7.78
CA GLN C 38 19.50 -6.91 8.92
C GLN C 38 18.27 -7.49 9.63
N LEU C 39 17.33 -8.04 8.87
CA LEU C 39 16.07 -8.49 9.45
C LEU C 39 16.23 -9.66 10.44
N ASN C 40 17.35 -10.37 10.33
CA ASN C 40 17.63 -11.48 11.24
C ASN C 40 18.42 -11.11 12.49
N GLU C 41 18.88 -9.87 12.53
CA GLU C 41 19.69 -9.38 13.64
C GLU C 41 18.80 -9.05 14.84
N ASP C 42 17.50 -8.87 14.60
CA ASP C 42 16.56 -8.49 15.64
C ASP C 42 15.41 -9.49 15.74
N PHE C 43 14.83 -9.60 16.93
CA PHE C 43 13.61 -10.40 17.12
C PHE C 43 12.37 -9.71 16.54
N GLU C 44 12.36 -8.38 16.59
CA GLU C 44 11.31 -7.59 15.96
C GLU C 44 11.39 -7.68 14.43
N GLY C 45 12.58 -7.99 13.92
CA GLY C 45 12.91 -7.79 12.51
C GLY C 45 11.94 -8.47 11.57
N PRO C 46 11.84 -9.81 11.64
CA PRO C 46 11.10 -10.53 10.63
C PRO C 46 9.62 -10.11 10.44
N PRO C 47 8.87 -9.85 11.53
CA PRO C 47 7.52 -9.25 11.42
C PRO C 47 7.50 -7.85 10.79
N LEU C 48 8.48 -7.03 11.11
CA LEU C 48 8.62 -5.70 10.49
C LEU C 48 8.89 -5.83 9.00
N ALA C 49 9.83 -6.71 8.64
CA ALA C 49 10.23 -6.89 7.23
C ALA C 49 9.01 -7.23 6.37
N THR C 50 8.17 -8.07 6.92
CA THR C 50 7.05 -8.68 6.23
C THR C 50 5.94 -7.62 6.03
N ARG C 51 5.77 -6.77 7.03
CA ARG C 51 4.89 -5.61 6.93
C ARG C 51 5.35 -4.63 5.84
N LEU C 52 6.65 -4.30 5.84
CA LEU C 52 7.16 -3.34 4.88
C LEU C 52 7.11 -3.92 3.45
N LEU C 53 7.49 -5.19 3.33
CA LEU C 53 7.42 -5.88 2.05
C LEU C 53 6.01 -5.92 1.47
N ALA C 54 5.01 -6.23 2.29
CA ALA C 54 3.64 -6.33 1.80
C ALA C 54 3.18 -5.01 1.17
N HIS C 55 3.49 -3.89 1.83
CA HIS C 55 3.26 -2.58 1.24
C HIS C 55 3.94 -2.32 -0.10
N LYS C 56 5.25 -2.53 -0.19
CA LYS C 56 6.00 -2.30 -1.44
C LYS C 56 5.45 -3.19 -2.55
N ILE C 57 5.18 -4.44 -2.22
CA ILE C 57 4.68 -5.40 -3.20
C ILE C 57 3.36 -4.96 -3.83
N GLN C 58 2.54 -4.26 -3.05
CA GLN C 58 1.25 -3.77 -3.51
C GLN C 58 1.33 -2.40 -4.19
N SER C 59 2.54 -1.96 -4.50
CA SER C 59 2.75 -0.66 -5.17
C SER C 59 2.09 -0.60 -6.55
N PRO C 60 1.40 0.53 -6.85
CA PRO C 60 0.97 0.81 -8.22
C PRO C 60 2.16 1.05 -9.15
N GLN C 61 3.35 1.26 -8.58
CA GLN C 61 4.53 1.50 -9.41
C GLN C 61 5.23 0.17 -9.64
N GLU C 62 5.15 -0.32 -10.87
CA GLU C 62 5.53 -1.70 -11.16
C GLU C 62 6.95 -2.04 -10.72
N TRP C 63 7.90 -1.18 -11.05
CA TRP C 63 9.32 -1.44 -10.76
C TRP C 63 9.59 -1.46 -9.24
N GLU C 64 8.78 -0.74 -8.47
CA GLU C 64 8.88 -0.81 -6.99
C GLU C 64 8.39 -2.16 -6.46
N ALA C 65 7.26 -2.61 -7.00
CA ALA C 65 6.70 -3.93 -6.65
C ALA C 65 7.59 -5.10 -7.06
N ILE C 66 8.19 -5.01 -8.25
CA ILE C 66 9.09 -6.05 -8.78
C ILE C 66 10.38 -6.18 -7.95
N GLN C 67 10.99 -5.06 -7.60
CA GLN C 67 12.14 -5.04 -6.70
C GLN C 67 11.80 -5.59 -5.32
N ALA C 68 10.63 -5.22 -4.81
CA ALA C 68 10.18 -5.74 -3.52
C ALA C 68 10.03 -7.27 -3.54
N LEU C 69 9.43 -7.78 -4.60
CA LEU C 69 9.31 -9.23 -4.79
C LEU C 69 10.67 -9.92 -4.97
N THR C 70 11.62 -9.22 -5.57
CA THR C 70 13.01 -9.70 -5.57
C THR C 70 13.63 -9.73 -4.15
N VAL C 71 13.41 -8.69 -3.36
CA VAL C 71 13.81 -8.74 -1.96
C VAL C 71 13.15 -9.93 -1.28
N LEU C 72 11.84 -10.08 -1.48
CA LEU C 72 11.09 -11.17 -0.87
C LEU C 72 11.66 -12.54 -1.24
N GLU C 73 11.88 -12.75 -2.54
CA GLU C 73 12.49 -13.98 -3.03
C GLU C 73 13.84 -14.24 -2.38
N THR C 74 14.70 -13.23 -2.37
CA THR C 74 16.04 -13.33 -1.84
C THR C 74 16.06 -13.72 -0.37
N CYS C 75 15.30 -13.01 0.45
CA CYS C 75 15.27 -13.30 1.88
C CYS C 75 14.68 -14.70 2.18
N MET C 76 13.70 -15.12 1.40
CA MET C 76 13.11 -16.45 1.57
C MET C 76 14.11 -17.55 1.17
N LYS C 77 15.05 -17.22 0.28
CA LYS C 77 16.06 -18.17 -0.10
C LYS C 77 17.14 -18.34 0.97
N SER C 78 17.21 -17.41 1.92
CA SER C 78 18.10 -17.56 3.07
C SER C 78 17.50 -18.56 4.06
N CYS C 79 18.31 -19.18 4.88
CA CYS C 79 17.82 -20.33 5.63
C CYS C 79 17.16 -20.02 7.00
N GLY C 80 16.98 -18.74 7.31
CA GLY C 80 16.36 -18.31 8.59
C GLY C 80 14.90 -18.68 8.79
N LYS C 81 14.63 -19.41 9.88
CA LYS C 81 13.29 -19.91 10.20
C LYS C 81 12.26 -18.81 10.50
N ARG C 82 12.65 -17.84 11.32
CA ARG C 82 11.72 -16.79 11.74
C ARG C 82 11.07 -16.10 10.54
N PHE C 83 11.87 -15.71 9.56
CA PHE C 83 11.31 -15.10 8.36
C PHE C 83 10.43 -16.04 7.55
N HIS C 84 10.88 -17.29 7.37
CA HIS C 84 10.06 -18.30 6.69
C HIS C 84 8.70 -18.42 7.36
N ASP C 85 8.71 -18.42 8.70
CA ASP C 85 7.49 -18.53 9.50
C ASP C 85 6.58 -17.32 9.30
N GLU C 86 7.15 -16.12 9.26
CA GLU C 86 6.35 -14.90 9.15
C GLU C 86 5.69 -14.80 7.80
N VAL C 87 6.41 -15.21 6.75
CA VAL C 87 5.88 -15.23 5.39
C VAL C 87 4.81 -16.33 5.25
N GLY C 88 4.92 -17.37 6.07
CA GLY C 88 3.96 -18.47 6.05
C GLY C 88 2.78 -18.28 7.00
N LYS C 89 2.44 -17.02 7.28
CA LYS C 89 1.21 -16.67 7.99
C LYS C 89 0.25 -15.97 7.04
N PHE C 90 -1.04 -16.18 7.22
CA PHE C 90 -2.04 -15.50 6.40
C PHE C 90 -1.94 -13.99 6.52
N ARG C 91 -1.41 -13.51 7.64
CA ARG C 91 -1.18 -12.09 7.85
C ARG C 91 -0.36 -11.49 6.69
N PHE C 92 0.62 -12.25 6.22
CA PHE C 92 1.38 -11.87 5.04
C PHE C 92 0.78 -12.45 3.76
N LEU C 93 0.51 -13.75 3.76
CA LEU C 93 -0.01 -14.44 2.58
C LEU C 93 -1.24 -13.73 2.01
N ASN C 94 -2.06 -13.17 2.91
CA ASN C 94 -3.26 -12.46 2.52
C ASN C 94 -2.96 -11.25 1.64
N GLU C 95 -1.79 -10.69 1.83
CA GLU C 95 -1.42 -9.46 1.13
C GLU C 95 -0.93 -9.82 -0.27
N LEU C 96 -0.34 -11.00 -0.40
CA LEU C 96 -0.02 -11.55 -1.71
C LEU C 96 -1.27 -11.92 -2.47
N ILE C 97 -2.24 -12.51 -1.77
CA ILE C 97 -3.51 -12.90 -2.38
C ILE C 97 -4.25 -11.69 -2.95
N LYS C 98 -4.26 -10.58 -2.22
CA LYS C 98 -4.88 -9.35 -2.72
C LYS C 98 -4.29 -8.93 -4.08
N VAL C 99 -2.97 -9.02 -4.21
CA VAL C 99 -2.32 -8.64 -5.45
C VAL C 99 -2.77 -9.46 -6.67
N VAL C 100 -2.91 -10.77 -6.50
CA VAL C 100 -3.18 -11.66 -7.63
C VAL C 100 -4.67 -11.87 -7.91
N SER C 101 -5.51 -11.57 -6.93
CA SER C 101 -6.92 -11.93 -7.00
C SER C 101 -7.73 -10.79 -7.63
N PRO C 102 -8.57 -11.12 -8.65
CA PRO C 102 -9.42 -10.14 -9.32
C PRO C 102 -10.44 -9.50 -8.38
N LYS C 103 -10.81 -10.23 -7.33
CA LYS C 103 -11.69 -9.73 -6.28
C LYS C 103 -11.12 -8.50 -5.58
N TYR C 104 -9.80 -8.35 -5.62
CA TYR C 104 -9.10 -7.33 -4.84
C TYR C 104 -8.26 -6.43 -5.74
N LEU C 105 -6.95 -6.65 -5.80
CA LEU C 105 -6.08 -5.79 -6.61
C LEU C 105 -5.75 -6.33 -8.00
N GLY C 106 -6.22 -7.54 -8.31
CA GLY C 106 -5.72 -8.29 -9.46
C GLY C 106 -5.87 -7.58 -10.80
N SER C 107 -6.94 -6.79 -10.94
CA SER C 107 -7.32 -6.30 -12.26
C SER C 107 -6.60 -5.01 -12.63
N ARG C 108 -5.83 -4.48 -11.68
CA ARG C 108 -5.03 -3.29 -11.93
C ARG C 108 -3.57 -3.56 -11.56
N THR C 109 -3.22 -4.84 -11.53
CA THR C 109 -1.83 -5.27 -11.32
C THR C 109 -1.33 -5.92 -12.60
N SER C 110 -0.07 -5.65 -12.95
CA SER C 110 0.50 -6.22 -14.16
C SER C 110 0.62 -7.74 -14.06
N GLU C 111 0.72 -8.39 -15.21
CA GLU C 111 0.84 -9.83 -15.26
C GLU C 111 2.23 -10.25 -14.79
N LYS C 112 3.21 -9.40 -15.02
CA LYS C 112 4.56 -9.61 -14.52
C LYS C 112 4.61 -9.78 -13.02
N VAL C 113 4.01 -8.83 -12.28
CA VAL C 113 3.95 -8.90 -10.82
C VAL C 113 3.15 -10.12 -10.34
N LYS C 114 1.98 -10.35 -10.92
CA LYS C 114 1.12 -11.44 -10.48
C LYS C 114 1.78 -12.81 -10.69
N ASN C 115 2.34 -13.02 -11.88
CA ASN C 115 3.01 -14.28 -12.20
C ASN C 115 4.25 -14.54 -11.34
N LYS C 116 4.97 -13.47 -11.00
CA LYS C 116 6.12 -13.54 -10.10
C LYS C 116 5.67 -14.03 -8.73
N ILE C 117 4.56 -13.48 -8.24
CA ILE C 117 4.00 -13.92 -6.95
C ILE C 117 3.59 -15.39 -6.95
N LEU C 118 2.85 -15.81 -7.96
CA LEU C 118 2.44 -17.21 -8.11
C LEU C 118 3.64 -18.14 -8.24
N GLU C 119 4.64 -17.73 -9.01
CA GLU C 119 5.92 -18.43 -9.09
C GLU C 119 6.55 -18.63 -7.70
N LEU C 120 6.65 -17.56 -6.94
CA LEU C 120 7.28 -17.62 -5.63
C LEU C 120 6.52 -18.53 -4.68
N LEU C 121 5.21 -18.33 -4.57
CA LEU C 121 4.36 -19.19 -3.75
C LEU C 121 4.55 -20.66 -4.09
N TYR C 122 4.52 -20.99 -5.37
CA TYR C 122 4.77 -22.36 -5.78
C TYR C 122 6.11 -22.89 -5.29
N SER C 123 7.16 -22.10 -5.43
CA SER C 123 8.51 -22.54 -5.05
C SER C 123 8.56 -22.86 -3.55
N TRP C 124 7.81 -22.10 -2.75
CA TRP C 124 7.79 -22.33 -1.30
C TRP C 124 6.98 -23.57 -0.88
N THR C 125 5.90 -23.89 -1.61
CA THR C 125 5.15 -25.14 -1.37
C THR C 125 6.04 -26.36 -1.62
N VAL C 126 6.98 -26.19 -2.54
CA VAL C 126 7.93 -27.25 -2.86
C VAL C 126 9.12 -27.22 -1.91
N GLY C 127 9.70 -26.04 -1.70
CA GLY C 127 10.93 -25.90 -0.91
C GLY C 127 10.71 -25.91 0.59
N LEU C 128 9.56 -25.39 1.03
CA LEU C 128 9.24 -25.30 2.45
C LEU C 128 7.87 -25.93 2.74
N PRO C 129 7.74 -27.25 2.59
CA PRO C 129 6.44 -27.88 2.83
C PRO C 129 5.91 -27.85 4.28
N GLU C 130 6.75 -27.43 5.23
CA GLU C 130 6.30 -27.34 6.64
C GLU C 130 5.66 -25.99 6.94
N GLU C 131 5.71 -25.08 5.96
CA GLU C 131 4.88 -23.89 5.97
C GLU C 131 3.54 -24.21 5.29
N VAL C 132 2.69 -24.92 6.02
CA VAL C 132 1.44 -25.49 5.48
C VAL C 132 0.42 -24.43 5.03
N LYS C 133 0.40 -23.27 5.69
CA LYS C 133 -0.49 -22.16 5.30
C LYS C 133 -0.15 -21.63 3.90
N ILE C 134 1.12 -21.68 3.51
CA ILE C 134 1.50 -21.27 2.14
C ILE C 134 0.86 -22.20 1.10
N ALA C 135 0.89 -23.49 1.37
CA ALA C 135 0.32 -24.50 0.48
C ALA C 135 -1.20 -24.37 0.41
N GLU C 136 -1.84 -24.16 1.56
CA GLU C 136 -3.29 -23.95 1.58
C GLU C 136 -3.65 -22.71 0.77
N ALA C 137 -2.85 -21.66 0.89
CA ALA C 137 -3.15 -20.42 0.19
C ALA C 137 -3.03 -20.64 -1.32
N TYR C 138 -2.06 -21.46 -1.70
CA TYR C 138 -1.79 -21.75 -3.11
C TYR C 138 -2.86 -22.65 -3.74
N GLN C 139 -3.31 -23.66 -2.99
CA GLN C 139 -4.38 -24.54 -3.43
C GLN C 139 -5.71 -23.78 -3.63
N MET C 140 -5.95 -22.78 -2.79
CA MET C 140 -7.15 -21.96 -2.89
C MET C 140 -7.15 -21.09 -4.15
N LEU C 141 -5.99 -20.49 -4.46
CA LEU C 141 -5.82 -19.75 -5.71
C LEU C 141 -6.02 -20.65 -6.92
N LYS C 142 -5.49 -21.87 -6.86
CA LYS C 142 -5.72 -22.86 -7.90
C LYS C 142 -7.18 -23.28 -7.94
N LYS C 143 -7.81 -23.35 -6.77
CA LYS C 143 -9.22 -23.67 -6.67
C LYS C 143 -10.08 -22.61 -7.36
N GLN C 144 -9.71 -21.35 -7.21
CA GLN C 144 -10.42 -20.26 -7.88
C GLN C 144 -9.96 -20.03 -9.32
N GLY C 145 -8.94 -20.77 -9.76
CA GLY C 145 -8.47 -20.70 -11.14
C GLY C 145 -7.48 -19.59 -11.38
N ILE C 146 -7.03 -18.94 -10.30
CA ILE C 146 -6.00 -17.92 -10.41
C ILE C 146 -4.64 -18.52 -10.73
N VAL C 147 -4.32 -19.64 -10.10
CA VAL C 147 -3.26 -20.52 -10.60
C VAL C 147 -3.76 -21.37 -11.76
N LYS C 148 -3.09 -21.18 -12.89
CA LYS C 148 -1.92 -20.28 -12.86
C LYS C 148 -2.16 -18.86 -13.31
N SEP D 7 -4.15 -16.43 16.62
CA SEP D 7 -3.32 -15.19 16.68
CB SEP D 7 -2.04 -15.43 17.47
OG SEP D 7 -1.11 -16.21 16.73
C SEP D 7 -3.01 -14.66 15.28
O SEP D 7 -2.74 -13.48 15.10
P SEP D 7 -0.97 -17.71 17.34
O1P SEP D 7 0.14 -18.53 16.52
O2P SEP D 7 -0.54 -17.61 18.89
O3P SEP D 7 -2.39 -18.48 17.22
N ASP D 8 -3.07 -15.55 14.29
CA ASP D 8 -2.90 -15.20 12.88
C ASP D 8 -4.25 -14.81 12.28
N GLU D 9 -4.22 -14.05 11.18
CA GLU D 9 -5.42 -13.75 10.40
C GLU D 9 -6.04 -15.01 9.84
N ASP D 10 -7.33 -14.95 9.52
CA ASP D 10 -7.98 -16.00 8.73
C ASP D 10 -7.50 -15.87 7.30
N LEU D 11 -7.50 -16.98 6.58
CA LEU D 11 -7.20 -16.98 5.16
C LEU D 11 -8.21 -16.14 4.39
N LEU D 12 -7.71 -15.15 3.65
CA LEU D 12 -8.53 -14.38 2.72
C LEU D 12 -9.08 -15.27 1.60
N GLU D 13 -10.40 -15.46 1.60
CA GLU D 13 -11.03 -16.41 0.67
C GLU D 13 -11.26 -15.81 -0.71
I IOD E . 2.33 4.99 -5.20
I IOD F . -8.31 18.94 -11.24
I IOD G . -11.97 21.49 1.31
I IOD H . 6.88 0.12 3.50
I IOD I . 9.21 -3.24 -14.04
#